data_5B81
#
_entry.id   5B81
#
loop_
_entity.id
_entity.type
_entity.pdbx_description
1 polymer "DNA (5'-D(*GP*CP*GP*CP*AP*TP*GP*CP*GP*CP*TP*AP*CP*GP*CP*G)-3')"
2 polymer "DNA (5'-D(*CP*GP*CP*GP*TP*AP*CP*GP*CP*GP*AP*TP*GP*CP*GP*C)-3')"
#
loop_
_entity_poly.entity_id
_entity_poly.type
_entity_poly.pdbx_seq_one_letter_code
_entity_poly.pdbx_strand_id
1 'polydeoxyribonucleotide' (DG)(DC)(DG)(DC)(DA)(DT)(DG)(DC)(DG)(DC)(DT)(DA)(DC)(DG)(DC)(DG) A
2 'polydeoxyribonucleotide' (DC)(DG)(DC)(DG)(DT)(DA)(DC)(DG)(DC)(DG)(DA)(DT)(DG)(DC)(DG)(DC) B
#
loop_
_chem_comp.id
_chem_comp.type
_chem_comp.name
_chem_comp.formula
DA DNA linking 2'-DEOXYADENOSINE-5'-MONOPHOSPHATE 'C10 H14 N5 O6 P'
DC DNA linking 2'-DEOXYCYTIDINE-5'-MONOPHOSPHATE 'C9 H14 N3 O7 P'
DG DNA linking 2'-DEOXYGUANOSINE-5'-MONOPHOSPHATE 'C10 H14 N5 O7 P'
DT DNA linking THYMIDINE-5'-MONOPHOSPHATE 'C10 H15 N2 O8 P'
#